data_7SAK
#
_entry.id   7SAK
#
_cell.length_a   156.554
_cell.length_b   41.920
_cell.length_c   47.827
_cell.angle_alpha   90.000
_cell.angle_beta   94.370
_cell.angle_gamma   90.000
#
_symmetry.space_group_name_H-M   'C 1 2 1'
#
loop_
_entity.id
_entity.type
_entity.pdbx_description
1 polymer mCherry
2 polymer LaM4
3 non-polymer DI(HYDROXYETHYL)ETHER
4 non-polymer 'CHLORIDE ION'
5 water water
#
loop_
_entity_poly.entity_id
_entity_poly.type
_entity_poly.pdbx_seq_one_letter_code
_entity_poly.pdbx_strand_id
1 'polypeptide(L)'
;SNGMVSKGEEDNMAIIKEFMRFKVHMEGSVNGHEFEIEGEGEGRPYEGTQTAKLKVTKGGPLPFAWDILSPQF(NRQ)SK
AYVKHPADIPDYLKLSFPEGFKWERVMNFEDGGVVTVTQDSSLQDGEFIYKVKLRGTNFPSDGPVMQKKTMGWEASSERM
YPEDGALKGEIKQRLKLKDGGHYDAEVKTTYKAKKPVQLPGAYNVNIKLDITSHNEDYTIVEQYERAEGRHSTGGMDELY
K
;
A
2 'polypeptide(L)'
;MGSSHHHHHHSSGLVPRGSMAQVQLVESGGSLVQPGGSLRLSCAASGRFAESSSMGWFRQAPGKEREFVAAISWSGGATN
YADSAKGRFTLSRDNTKNTVYLQMNSLKPDDTAVYYCAANLGNYISSNQRLYGYWGQGTQVTVS
;
B
#
loop_
_chem_comp.id
_chem_comp.type
_chem_comp.name
_chem_comp.formula
CL non-polymer 'CHLORIDE ION' 'Cl -1'
PEG non-polymer DI(HYDROXYETHYL)ETHER 'C4 H10 O3'
#
# COMPACT_ATOMS: atom_id res chain seq x y z
N ASN A 12 -2.30 -12.99 11.70
CA ASN A 12 -2.70 -11.63 12.05
C ASN A 12 -1.51 -10.67 11.95
N MET A 13 -0.30 -11.24 12.00
CA MET A 13 0.93 -10.46 11.89
C MET A 13 1.45 -10.36 10.46
N ALA A 14 0.64 -10.84 9.51
CA ALA A 14 1.01 -10.88 8.10
C ALA A 14 -0.06 -10.24 7.23
N ILE A 15 -0.95 -9.42 7.80
CA ILE A 15 -2.00 -8.77 7.02
C ILE A 15 -1.93 -7.26 7.14
N ILE A 16 -2.54 -6.59 6.15
CA ILE A 16 -2.58 -5.13 6.12
C ILE A 16 -3.84 -4.64 6.81
N LYS A 17 -3.67 -4.10 7.99
CA LYS A 17 -4.74 -3.50 8.74
C LYS A 17 -4.97 -2.06 8.31
N GLU A 18 -6.08 -1.48 8.76
CA GLU A 18 -6.33 -0.07 8.43
C GLU A 18 -5.40 0.87 9.17
N PHE A 19 -4.69 0.41 10.18
CA PHE A 19 -3.61 1.14 10.81
C PHE A 19 -2.39 0.23 10.81
N MET A 20 -1.26 0.74 10.29
CA MET A 20 -0.04 -0.05 10.22
C MET A 20 1.12 0.84 10.62
N ARG A 21 2.04 0.27 11.40
CA ARG A 21 3.32 0.88 11.70
C ARG A 21 4.38 0.37 10.75
N PHE A 22 5.48 1.14 10.67
CA PHE A 22 6.65 0.73 9.91
C PHE A 22 7.92 1.13 10.64
N LYS A 23 8.99 0.42 10.29
CA LYS A 23 10.34 0.76 10.71
C LYS A 23 11.20 0.91 9.48
N VAL A 24 12.11 1.87 9.49
CA VAL A 24 12.95 2.13 8.33
C VAL A 24 14.40 2.35 8.75
N HIS A 25 15.29 1.79 7.95
CA HIS A 25 16.72 2.04 8.05
C HIS A 25 17.23 2.47 6.68
N MET A 26 18.00 3.54 6.65
CA MET A 26 18.62 4.03 5.43
C MET A 26 20.13 4.10 5.67
N GLU A 27 20.87 3.61 4.70
CA GLU A 27 22.30 3.84 4.59
CA GLU A 27 22.30 3.85 4.59
C GLU A 27 22.53 4.59 3.29
N GLY A 28 23.37 5.59 3.31
CA GLY A 28 23.58 6.34 2.10
C GLY A 28 24.82 7.19 2.13
N SER A 29 25.00 7.89 1.02
CA SER A 29 26.02 8.92 0.91
C SER A 29 25.50 9.97 -0.05
N VAL A 30 25.87 11.22 0.22
CA VAL A 30 25.58 12.32 -0.69
C VAL A 30 26.89 13.05 -0.92
N ASN A 31 27.33 13.13 -2.17
CA ASN A 31 28.59 13.75 -2.54
C ASN A 31 29.72 13.19 -1.66
N GLY A 32 29.65 11.88 -1.39
CA GLY A 32 30.67 11.15 -0.68
C GLY A 32 30.54 11.19 0.82
N HIS A 33 29.57 11.90 1.35
CA HIS A 33 29.36 11.99 2.79
C HIS A 33 28.43 10.86 3.23
N GLU A 34 28.99 9.87 3.94
CA GLU A 34 28.25 8.70 4.35
CA GLU A 34 28.24 8.69 4.35
C GLU A 34 27.38 9.03 5.56
N PHE A 35 26.24 8.39 5.64
CA PHE A 35 25.34 8.61 6.77
C PHE A 35 24.40 7.41 6.92
N GLU A 36 23.73 7.35 8.07
CA GLU A 36 22.68 6.37 8.31
C GLU A 36 21.54 7.07 9.00
N ILE A 37 20.32 6.57 8.77
CA ILE A 37 19.10 7.06 9.40
C ILE A 37 18.30 5.87 9.88
N GLU A 38 17.70 6.00 11.06
CA GLU A 38 16.72 5.02 11.53
C GLU A 38 15.44 5.77 11.83
N GLY A 39 14.31 5.15 11.54
CA GLY A 39 13.05 5.80 11.83
C GLY A 39 11.92 4.83 12.03
N GLU A 40 10.79 5.40 12.44
CA GLU A 40 9.58 4.66 12.70
C GLU A 40 8.41 5.49 12.21
N GLY A 41 7.43 4.84 11.64
CA GLY A 41 6.27 5.55 11.13
C GLY A 41 4.98 4.80 11.38
N GLU A 42 3.89 5.42 10.96
CA GLU A 42 2.57 4.84 11.15
C GLU A 42 1.64 5.51 10.17
N GLY A 43 0.54 4.85 9.87
CA GLY A 43 -0.42 5.46 8.97
C GLY A 43 -1.57 4.54 8.71
N ARG A 44 -2.40 4.98 7.77
CA ARG A 44 -3.68 4.36 7.46
C ARG A 44 -3.63 3.96 5.99
N PRO A 45 -3.20 2.73 5.68
CA PRO A 45 -2.84 2.41 4.28
C PRO A 45 -3.95 2.61 3.30
N TYR A 46 -5.20 2.37 3.66
CA TYR A 46 -6.28 2.49 2.70
C TYR A 46 -6.81 3.92 2.62
N GLU A 47 -6.38 4.80 3.51
CA GLU A 47 -6.71 6.21 3.43
C GLU A 47 -5.61 7.02 2.76
N GLY A 48 -4.43 6.43 2.59
CA GLY A 48 -3.34 7.12 1.93
C GLY A 48 -2.61 8.10 2.80
N THR A 49 -2.61 7.97 4.12
CA THR A 49 -1.94 8.92 4.99
C THR A 49 -0.91 8.21 5.85
N GLN A 50 0.16 8.93 6.16
CA GLN A 50 1.18 8.36 7.02
C GLN A 50 2.05 9.46 7.59
N THR A 51 2.71 9.13 8.71
CA THR A 51 3.70 9.99 9.33
CA THR A 51 3.70 9.99 9.34
C THR A 51 4.91 9.15 9.70
N ALA A 52 6.06 9.82 9.84
CA ALA A 52 7.24 9.14 10.35
C ALA A 52 8.11 10.12 11.10
N LYS A 53 8.90 9.55 11.99
CA LYS A 53 9.96 10.26 12.71
C LYS A 53 11.27 9.58 12.36
N LEU A 54 12.17 10.35 11.79
CA LEU A 54 13.47 9.87 11.35
C LEU A 54 14.56 10.50 12.20
N LYS A 55 15.61 9.73 12.45
CA LYS A 55 16.76 10.21 13.19
CA LYS A 55 16.76 10.21 13.19
C LYS A 55 18.04 9.85 12.48
N VAL A 56 18.96 10.80 12.38
CA VAL A 56 20.27 10.55 11.82
C VAL A 56 21.09 9.83 12.87
N THR A 57 21.56 8.64 12.56
CA THR A 57 22.26 7.80 13.51
C THR A 57 23.74 7.64 13.21
N LYS A 58 24.20 8.11 12.04
CA LYS A 58 25.61 8.12 11.69
CA LYS A 58 25.62 8.13 11.70
C LYS A 58 25.82 9.23 10.67
N GLY A 59 26.91 9.96 10.80
CA GLY A 59 27.21 10.94 9.79
C GLY A 59 26.54 12.29 9.98
N GLY A 60 25.90 12.53 11.10
CA GLY A 60 25.26 13.79 11.29
C GLY A 60 26.20 14.80 11.91
N PRO A 61 25.83 16.09 11.85
CA PRO A 61 24.70 16.59 11.07
C PRO A 61 24.95 16.52 9.60
N LEU A 62 23.90 16.32 8.81
CA LEU A 62 24.09 16.13 7.40
C LEU A 62 24.45 17.46 6.74
N PRO A 63 25.43 17.49 5.83
CA PRO A 63 25.84 18.74 5.18
C PRO A 63 25.05 19.02 3.91
N PHE A 64 23.77 18.66 3.87
CA PHE A 64 22.97 18.81 2.66
C PHE A 64 21.51 18.84 3.12
N ALA A 65 20.64 19.25 2.18
CA ALA A 65 19.22 19.39 2.45
C ALA A 65 18.53 18.08 2.75
N TRP A 66 17.80 18.03 3.87
CA TRP A 66 16.96 16.90 4.19
C TRP A 66 16.01 16.55 3.07
N ASP A 67 15.53 17.56 2.33
CA ASP A 67 14.48 17.34 1.38
C ASP A 67 14.84 16.32 0.29
N ILE A 68 16.12 16.12 -0.02
CA ILE A 68 16.44 15.09 -1.01
C ILE A 68 16.23 13.66 -0.47
N LEU A 69 16.21 13.52 0.86
CA LEU A 69 15.95 12.24 1.49
C LEU A 69 14.49 11.98 1.78
N SER A 70 13.69 13.03 1.98
CA SER A 70 12.33 12.81 2.47
C SER A 70 11.48 11.92 1.60
N PRO A 71 11.55 11.95 0.25
CA PRO A 71 10.70 11.07 -0.56
C PRO A 71 11.16 9.61 -0.53
N GLN A 72 12.25 9.29 0.17
CA GLN A 72 12.70 7.91 0.20
C GLN A 72 12.20 7.14 1.42
N PHE A 73 11.53 7.81 2.35
CA PHE A 73 11.02 7.15 3.55
C PHE A 73 9.61 6.64 3.43
N1 NRQ A 74 8.85 6.92 2.26
CE NRQ A 74 6.84 9.12 6.01
SD NRQ A 74 6.31 10.11 4.62
CG1 NRQ A 74 6.69 8.95 3.29
CB1 NRQ A 74 8.07 9.21 2.62
CA1 NRQ A 74 8.41 8.01 1.76
C1 NRQ A 74 8.11 8.06 0.36
N2 NRQ A 74 7.58 9.16 -0.33
OH NRQ A 74 6.46 14.96 -3.82
CD2 NRQ A 74 6.84 11.35 -4.33
CE2 NRQ A 74 6.64 12.68 -4.62
CZ NRQ A 74 6.68 13.60 -3.58
CE1 NRQ A 74 6.93 13.16 -2.29
CD1 NRQ A 74 7.10 11.82 -2.01
CG2 NRQ A 74 7.07 10.87 -3.05
CB2 NRQ A 74 7.20 9.51 -2.78
CA2 NRQ A 74 7.53 8.82 -1.68
C2 NRQ A 74 8.00 7.41 -1.83
O2 NRQ A 74 8.13 6.78 -2.81
N3 NRQ A 74 8.36 6.98 -0.51
CA3 NRQ A 74 9.05 5.73 -0.33
C3 NRQ A 74 8.37 4.64 0.41
O3 NRQ A 74 8.94 3.64 0.79
HE1A NRQ A 74 6.62 9.64 6.93
HE2A NRQ A 74 6.31 8.17 5.99
HE3 NRQ A 74 7.90 8.94 5.94
HG11 NRQ A 74 6.68 7.94 3.69
HG12 NRQ A 74 5.91 9.03 2.53
HB11 NRQ A 74 8.01 10.10 2.01
HB12 NRQ A 74 8.83 9.33 3.38
HOH NRQ A 74 7.28 15.40 -3.86
HD2 NRQ A 74 6.83 10.63 -5.15
HE2 NRQ A 74 6.45 13.00 -5.63
HE1 NRQ A 74 6.99 13.88 -1.48
HD1 NRQ A 74 7.27 11.50 -0.99
HB2 NRQ A 74 6.99 8.89 -3.65
HA31 NRQ A 74 9.28 5.34 -1.32
HA32 NRQ A 74 9.96 5.95 0.20
N SER A 75 7.02 4.86 0.68
CA SER A 75 6.21 4.04 1.56
C SER A 75 4.86 3.84 0.89
N LYS A 76 4.90 3.13 -0.24
CA LYS A 76 3.80 3.08 -1.19
C LYS A 76 2.69 2.13 -0.79
N ALA A 77 2.83 1.40 0.31
CA ALA A 77 1.69 0.71 0.87
C ALA A 77 0.63 1.69 1.30
N TYR A 78 0.97 2.93 1.58
CA TYR A 78 0.02 3.91 2.13
C TYR A 78 -0.45 4.88 1.03
N VAL A 79 -1.02 4.31 -0.01
CA VAL A 79 -1.66 5.05 -1.07
C VAL A 79 -3.09 4.61 -1.17
N LYS A 80 -4.03 5.56 -1.14
CA LYS A 80 -5.43 5.23 -1.33
C LYS A 80 -5.64 4.96 -2.81
N HIS A 81 -6.17 3.79 -3.14
CA HIS A 81 -6.36 3.45 -4.54
CA HIS A 81 -6.36 3.45 -4.54
C HIS A 81 -7.84 3.31 -4.87
N PRO A 82 -8.22 3.63 -6.11
CA PRO A 82 -9.57 3.29 -6.59
C PRO A 82 -9.84 1.81 -6.39
N ALA A 83 -11.11 1.50 -6.11
CA ALA A 83 -11.48 0.13 -5.79
C ALA A 83 -11.31 -0.81 -6.96
N ASP A 84 -11.28 -0.30 -8.17
CA ASP A 84 -11.25 -1.11 -9.37
C ASP A 84 -9.89 -1.15 -10.03
N ILE A 85 -8.82 -0.78 -9.33
CA ILE A 85 -7.44 -0.89 -9.82
C ILE A 85 -6.73 -1.86 -8.90
N PRO A 86 -6.08 -2.91 -9.39
CA PRO A 86 -5.32 -3.77 -8.48
C PRO A 86 -4.27 -2.92 -7.81
N ASP A 87 -4.18 -3.03 -6.49
CA ASP A 87 -3.23 -2.25 -5.69
C ASP A 87 -1.99 -3.12 -5.57
N TYR A 88 -1.20 -3.07 -6.64
CA TYR A 88 -0.08 -3.97 -6.85
C TYR A 88 0.81 -4.06 -5.63
N LEU A 89 1.16 -2.93 -5.04
CA LEU A 89 2.09 -2.92 -3.93
C LEU A 89 1.48 -3.48 -2.66
N LYS A 90 0.20 -3.20 -2.40
CA LYS A 90 -0.46 -3.88 -1.27
C LYS A 90 -0.55 -5.38 -1.51
N LEU A 91 -0.89 -5.78 -2.73
CA LEU A 91 -1.06 -7.18 -3.05
C LEU A 91 0.22 -7.96 -2.87
N SER A 92 1.37 -7.29 -2.96
CA SER A 92 2.65 -7.97 -2.85
C SER A 92 2.95 -8.45 -1.44
N PHE A 93 2.31 -7.92 -0.44
CA PHE A 93 2.57 -8.33 0.95
C PHE A 93 1.91 -9.66 1.25
N PRO A 94 2.46 -10.43 2.23
CA PRO A 94 3.49 -10.00 3.19
C PRO A 94 4.95 -10.02 2.68
N GLU A 95 5.25 -10.74 1.59
CA GLU A 95 6.64 -10.81 1.16
C GLU A 95 7.14 -9.42 0.81
N GLY A 96 6.34 -8.67 0.05
CA GLY A 96 6.60 -7.28 -0.24
C GLY A 96 7.19 -7.08 -1.63
N PHE A 97 7.97 -6.01 -1.76
CA PHE A 97 8.40 -5.49 -3.03
C PHE A 97 9.71 -4.75 -2.82
N LYS A 98 10.35 -4.46 -3.95
CA LYS A 98 11.56 -3.65 -4.01
CA LYS A 98 11.56 -3.65 -4.01
C LYS A 98 11.28 -2.47 -4.93
N TRP A 99 11.97 -1.36 -4.70
CA TRP A 99 11.88 -0.24 -5.61
C TRP A 99 13.27 0.33 -5.86
N GLU A 100 13.42 0.94 -7.03
CA GLU A 100 14.65 1.57 -7.46
CA GLU A 100 14.65 1.58 -7.44
C GLU A 100 14.32 2.87 -8.15
N ARG A 101 15.01 3.94 -7.76
CA ARG A 101 14.66 5.27 -8.24
C ARG A 101 15.89 5.99 -8.74
N VAL A 102 15.67 6.82 -9.76
CA VAL A 102 16.65 7.79 -10.22
C VAL A 102 15.96 9.16 -10.21
N MET A 103 16.60 10.13 -9.57
CA MET A 103 16.19 11.52 -9.60
C MET A 103 17.27 12.34 -10.27
N ASN A 104 16.90 13.03 -11.36
CA ASN A 104 17.81 13.94 -12.04
C ASN A 104 17.37 15.34 -11.71
N PHE A 105 18.18 16.07 -10.97
CA PHE A 105 17.90 17.45 -10.65
C PHE A 105 18.43 18.40 -11.73
N GLU A 106 17.82 19.57 -11.83
CA GLU A 106 18.07 20.44 -12.96
C GLU A 106 19.47 21.05 -12.97
N ASP A 107 20.23 20.97 -11.88
CA ASP A 107 21.59 21.50 -11.84
C ASP A 107 22.62 20.41 -11.88
N GLY A 108 22.25 19.19 -12.25
CA GLY A 108 23.15 18.07 -12.40
C GLY A 108 23.24 17.14 -11.21
N GLY A 109 22.65 17.50 -10.09
CA GLY A 109 22.58 16.57 -8.98
C GLY A 109 21.80 15.33 -9.35
N VAL A 110 22.21 14.19 -8.81
CA VAL A 110 21.58 12.90 -9.08
C VAL A 110 21.39 12.18 -7.76
N VAL A 111 20.22 11.60 -7.56
CA VAL A 111 19.98 10.68 -6.46
C VAL A 111 19.52 9.36 -7.01
N THR A 112 20.20 8.29 -6.63
CA THR A 112 19.72 6.95 -6.95
CA THR A 112 19.84 6.91 -6.96
C THR A 112 19.47 6.21 -5.65
N VAL A 113 18.40 5.44 -5.65
CA VAL A 113 17.92 4.78 -4.43
C VAL A 113 17.49 3.38 -4.75
N THR A 114 17.75 2.45 -3.83
CA THR A 114 17.10 1.15 -3.88
CA THR A 114 17.11 1.14 -3.88
C THR A 114 16.51 0.86 -2.51
N GLN A 115 15.44 0.08 -2.51
CA GLN A 115 14.66 -0.11 -1.30
C GLN A 115 14.04 -1.48 -1.27
N ASP A 116 13.98 -2.09 -0.08
CA ASP A 116 13.27 -3.33 0.12
C ASP A 116 12.16 -3.10 1.14
N SER A 117 10.98 -3.55 0.82
CA SER A 117 9.82 -3.47 1.69
C SER A 117 9.28 -4.87 1.98
N SER A 118 8.96 -5.13 3.25
CA SER A 118 8.40 -6.41 3.66
C SER A 118 7.44 -6.17 4.81
N LEU A 119 6.64 -7.17 5.17
CA LEU A 119 5.77 -7.12 6.33
C LEU A 119 6.26 -8.19 7.28
N GLN A 120 6.72 -7.80 8.48
CA GLN A 120 7.23 -8.71 9.49
C GLN A 120 6.66 -8.34 10.86
N ASP A 121 6.14 -9.34 11.59
N ASP A 121 6.15 -9.34 11.58
CA ASP A 121 5.62 -9.15 12.94
CA ASP A 121 5.65 -9.12 12.95
C ASP A 121 4.64 -7.98 12.99
C ASP A 121 4.65 -7.99 13.01
N GLY A 122 3.76 -7.93 12.02
CA GLY A 122 2.71 -6.95 12.02
C GLY A 122 3.09 -5.54 11.65
N GLU A 123 4.32 -5.28 11.19
CA GLU A 123 4.71 -3.95 10.77
C GLU A 123 5.44 -4.05 9.44
N PHE A 124 5.41 -2.97 8.70
CA PHE A 124 6.23 -2.89 7.49
C PHE A 124 7.67 -2.61 7.89
N ILE A 125 8.60 -3.21 7.16
CA ILE A 125 10.03 -3.06 7.36
C ILE A 125 10.62 -2.55 6.08
N TYR A 126 11.30 -1.40 6.14
CA TYR A 126 11.89 -0.75 4.98
C TYR A 126 13.39 -0.66 5.16
N LYS A 127 14.13 -1.06 4.14
CA LYS A 127 15.59 -0.93 4.11
CA LYS A 127 15.59 -0.94 4.11
C LYS A 127 15.94 -0.14 2.86
N VAL A 128 16.59 0.99 3.03
CA VAL A 128 16.86 1.93 1.95
C VAL A 128 18.36 2.12 1.78
N LYS A 129 18.81 2.20 0.53
CA LYS A 129 20.19 2.51 0.19
C LYS A 129 20.15 3.67 -0.78
N LEU A 130 20.95 4.71 -0.53
CA LEU A 130 20.87 5.94 -1.28
C LEU A 130 22.24 6.43 -1.68
N ARG A 131 22.33 6.94 -2.91
CA ARG A 131 23.56 7.54 -3.40
C ARG A 131 23.23 8.84 -4.13
N GLY A 132 23.59 9.96 -3.50
CA GLY A 132 23.45 11.26 -4.13
C GLY A 132 24.82 11.72 -4.61
N THR A 133 24.88 12.24 -5.82
CA THR A 133 26.14 12.67 -6.39
C THR A 133 25.96 13.95 -7.21
N ASN A 134 27.09 14.62 -7.41
CA ASN A 134 27.22 15.74 -8.34
C ASN A 134 26.39 16.95 -7.98
N PHE A 135 25.99 17.10 -6.72
CA PHE A 135 25.33 18.34 -6.32
C PHE A 135 26.35 19.47 -6.31
N PRO A 136 26.08 20.61 -6.94
CA PRO A 136 27.11 21.65 -7.03
C PRO A 136 27.24 22.42 -5.71
N SER A 137 28.44 22.95 -5.50
CA SER A 137 28.73 23.69 -4.27
CA SER A 137 28.73 23.69 -4.28
C SER A 137 27.84 24.90 -4.09
N ASP A 138 27.54 25.60 -5.16
CA ASP A 138 26.72 26.79 -5.05
C ASP A 138 25.27 26.54 -5.39
N GLY A 139 24.79 25.30 -5.22
CA GLY A 139 23.39 24.99 -5.41
C GLY A 139 22.66 24.92 -4.09
N PRO A 140 21.36 24.70 -4.15
CA PRO A 140 20.54 24.79 -2.94
C PRO A 140 20.63 23.55 -2.05
N VAL A 141 20.98 22.38 -2.62
CA VAL A 141 21.04 21.17 -1.81
C VAL A 141 22.21 21.23 -0.84
N MET A 142 23.41 21.51 -1.35
CA MET A 142 24.61 21.49 -0.52
C MET A 142 24.70 22.71 0.39
N GLN A 143 23.83 23.69 0.19
CA GLN A 143 23.81 24.88 1.04
C GLN A 143 22.51 24.97 1.85
N LYS A 144 21.68 23.93 1.84
CA LYS A 144 20.48 23.85 2.68
CA LYS A 144 20.48 23.85 2.68
C LYS A 144 19.56 25.05 2.46
N LYS A 145 19.25 25.32 1.19
CA LYS A 145 18.41 26.44 0.82
CA LYS A 145 18.40 26.44 0.81
C LYS A 145 17.04 25.99 0.31
N THR A 146 16.65 24.75 0.57
CA THR A 146 15.36 24.22 0.14
C THR A 146 14.32 24.32 1.24
N MET A 147 13.06 24.20 0.84
CA MET A 147 11.98 24.38 1.79
C MET A 147 10.77 23.54 1.42
N GLY A 148 11.01 22.27 1.14
CA GLY A 148 9.95 21.30 0.99
C GLY A 148 9.42 21.18 -0.43
N TRP A 149 8.78 20.05 -0.67
CA TRP A 149 8.30 19.68 -1.98
C TRP A 149 6.90 20.21 -2.22
N GLU A 150 6.66 20.74 -3.42
CA GLU A 150 5.28 20.95 -3.85
C GLU A 150 4.58 19.61 -4.06
N ALA A 151 3.26 19.62 -4.04
CA ALA A 151 2.51 18.42 -4.42
C ALA A 151 2.95 17.93 -5.80
N SER A 152 2.91 16.61 -5.95
CA SER A 152 3.38 15.94 -7.15
C SER A 152 2.28 15.06 -7.72
N SER A 153 2.41 14.79 -9.00
CA SER A 153 1.62 13.79 -9.70
C SER A 153 2.57 12.76 -10.27
N GLU A 154 2.46 11.54 -9.80
CA GLU A 154 3.27 10.42 -10.29
C GLU A 154 2.45 9.63 -11.30
N ARG A 155 2.96 9.60 -12.53
CA ARG A 155 2.29 8.89 -13.63
CA ARG A 155 2.29 8.88 -13.61
C ARG A 155 2.79 7.44 -13.59
N MET A 156 1.89 6.53 -13.31
CA MET A 156 2.20 5.11 -13.15
C MET A 156 1.85 4.34 -14.41
N TYR A 157 2.66 3.33 -14.72
CA TYR A 157 2.38 2.47 -15.85
C TYR A 157 3.11 1.16 -15.66
N PRO A 158 2.56 0.07 -16.16
CA PRO A 158 3.27 -1.22 -16.11
C PRO A 158 4.30 -1.29 -17.22
N GLU A 159 5.43 -1.94 -16.93
CA GLU A 159 6.46 -2.12 -17.93
C GLU A 159 7.40 -3.21 -17.48
N ASP A 160 7.67 -4.16 -18.38
CA ASP A 160 8.67 -5.19 -18.18
CA ASP A 160 8.68 -5.19 -18.16
C ASP A 160 8.43 -5.94 -16.87
N GLY A 161 7.18 -6.20 -16.58
CA GLY A 161 6.85 -7.00 -15.43
C GLY A 161 6.93 -6.28 -14.12
N ALA A 162 6.98 -4.96 -14.11
CA ALA A 162 7.05 -4.17 -12.91
C ALA A 162 6.11 -2.99 -13.08
N LEU A 163 5.98 -2.21 -12.05
CA LEU A 163 5.22 -0.97 -12.09
C LEU A 163 6.19 0.20 -12.08
N LYS A 164 6.02 1.14 -13.00
CA LYS A 164 6.91 2.29 -13.09
C LYS A 164 6.12 3.53 -12.73
N GLY A 165 6.83 4.50 -12.19
CA GLY A 165 6.27 5.83 -11.98
C GLY A 165 7.24 6.89 -12.42
N GLU A 166 6.68 7.95 -13.03
N GLU A 166 6.69 7.97 -13.02
CA GLU A 166 7.45 9.13 -13.40
CA GLU A 166 7.44 9.12 -13.48
C GLU A 166 6.87 10.39 -12.81
C GLU A 166 6.86 10.39 -12.87
N ILE A 167 7.75 11.26 -12.35
CA ILE A 167 7.35 12.50 -11.71
C ILE A 167 8.23 13.64 -12.21
N LYS A 168 7.60 14.79 -12.46
CA LYS A 168 8.27 16.08 -12.54
CA LYS A 168 8.28 16.08 -12.53
C LYS A 168 8.06 16.70 -11.17
N GLN A 169 9.07 16.66 -10.32
CA GLN A 169 8.96 16.94 -8.90
C GLN A 169 9.60 18.30 -8.63
N ARG A 170 8.93 19.18 -7.90
CA ARG A 170 9.38 20.54 -7.68
C ARG A 170 9.66 20.81 -6.23
N LEU A 171 10.90 21.17 -5.93
CA LEU A 171 11.32 21.56 -4.60
CA LEU A 171 11.34 21.59 -4.61
C LEU A 171 11.28 23.10 -4.49
N LYS A 172 10.68 23.56 -3.44
CA LYS A 172 10.63 24.99 -3.12
C LYS A 172 11.95 25.42 -2.55
N LEU A 173 12.32 26.65 -2.86
CA LEU A 173 13.53 27.25 -2.33
C LEU A 173 13.24 28.41 -1.41
N LYS A 174 14.12 28.63 -0.46
N LYS A 174 14.14 28.64 -0.47
CA LYS A 174 13.85 29.66 0.54
CA LYS A 174 13.91 29.65 0.55
C LYS A 174 13.75 31.03 -0.10
C LYS A 174 13.78 31.02 -0.07
N ASP A 175 14.43 31.23 -1.23
CA ASP A 175 14.39 32.54 -1.87
C ASP A 175 13.17 32.76 -2.82
N GLY A 176 12.23 31.86 -2.78
CA GLY A 176 11.05 31.94 -3.58
C GLY A 176 11.22 31.31 -4.93
N GLY A 177 12.42 30.89 -5.29
CA GLY A 177 12.59 30.13 -6.50
C GLY A 177 12.17 28.69 -6.32
N HIS A 178 12.37 27.91 -7.37
CA HIS A 178 12.02 26.50 -7.34
C HIS A 178 13.11 25.73 -8.06
N TYR A 179 13.13 24.41 -7.79
CA TYR A 179 14.25 23.55 -8.16
C TYR A 179 13.65 22.21 -8.54
N ASP A 180 13.76 21.84 -9.81
CA ASP A 180 13.02 20.72 -10.35
C ASP A 180 13.89 19.46 -10.51
N ALA A 181 13.23 18.33 -10.37
CA ALA A 181 13.80 17.04 -10.65
C ALA A 181 12.88 16.24 -11.54
N GLU A 182 13.48 15.44 -12.39
CA GLU A 182 12.80 14.39 -13.15
CA GLU A 182 12.78 14.41 -13.14
C GLU A 182 13.10 13.07 -12.45
N VAL A 183 12.05 12.32 -12.13
CA VAL A 183 12.17 11.12 -11.31
C VAL A 183 11.54 9.95 -12.04
N LYS A 184 12.23 8.82 -12.02
CA LYS A 184 11.64 7.57 -12.48
C LYS A 184 11.92 6.51 -11.43
N THR A 185 10.89 5.73 -11.12
CA THR A 185 10.99 4.67 -10.13
C THR A 185 10.40 3.39 -10.70
N THR A 186 11.05 2.28 -10.41
CA THR A 186 10.53 0.95 -10.69
C THR A 186 10.14 0.32 -9.37
N TYR A 187 8.94 -0.22 -9.30
CA TYR A 187 8.41 -0.91 -8.12
C TYR A 187 8.10 -2.34 -8.57
N LYS A 188 8.72 -3.33 -7.93
CA LYS A 188 8.63 -4.71 -8.36
CA LYS A 188 8.60 -4.71 -8.36
C LYS A 188 8.29 -5.63 -7.19
N ALA A 189 7.14 -6.29 -7.27
CA ALA A 189 6.76 -7.25 -6.27
C ALA A 189 7.76 -8.40 -6.25
N LYS A 190 7.95 -8.98 -5.07
CA LYS A 190 8.89 -10.09 -4.93
C LYS A 190 8.36 -11.36 -5.55
N LYS A 191 7.05 -11.50 -5.67
CA LYS A 191 6.40 -12.64 -6.29
CA LYS A 191 6.40 -12.64 -6.30
C LYS A 191 5.47 -12.08 -7.35
N PRO A 192 4.99 -12.91 -8.27
CA PRO A 192 4.10 -12.38 -9.32
C PRO A 192 2.81 -11.81 -8.74
N VAL A 193 2.44 -10.61 -9.21
CA VAL A 193 1.22 -9.92 -8.79
C VAL A 193 0.65 -9.29 -10.04
N GLN A 194 -0.66 -9.32 -10.19
CA GLN A 194 -1.28 -8.67 -11.34
C GLN A 194 -0.96 -7.19 -11.40
N LEU A 195 -0.54 -6.72 -12.57
CA LEU A 195 -0.18 -5.32 -12.76
C LEU A 195 -1.40 -4.50 -13.11
N PRO A 196 -1.50 -3.26 -12.63
CA PRO A 196 -2.55 -2.34 -13.08
C PRO A 196 -2.18 -1.80 -14.45
N GLY A 197 -3.14 -1.14 -15.07
CA GLY A 197 -2.85 -0.25 -16.19
C GLY A 197 -2.26 1.08 -15.73
N ALA A 198 -2.28 2.06 -16.62
CA ALA A 198 -1.78 3.38 -16.28
C ALA A 198 -2.78 4.13 -15.42
N TYR A 199 -2.27 4.90 -14.48
CA TYR A 199 -3.07 5.74 -13.61
C TYR A 199 -2.11 6.74 -12.99
N ASN A 200 -2.63 7.65 -12.17
CA ASN A 200 -1.81 8.67 -11.54
C ASN A 200 -1.95 8.63 -10.04
N VAL A 201 -0.93 9.11 -9.35
CA VAL A 201 -0.98 9.23 -7.91
C VAL A 201 -0.64 10.68 -7.53
N ASN A 202 -1.53 11.31 -6.81
CA ASN A 202 -1.32 12.67 -6.31
C ASN A 202 -0.73 12.53 -4.91
N ILE A 203 0.40 13.21 -4.68
CA ILE A 203 1.17 13.05 -3.46
C ILE A 203 1.50 14.42 -2.89
N LYS A 204 1.39 14.57 -1.58
CA LYS A 204 1.91 15.75 -0.90
CA LYS A 204 1.95 15.74 -0.93
C LYS A 204 2.66 15.28 0.33
N LEU A 205 3.94 15.66 0.42
CA LEU A 205 4.79 15.32 1.54
CA LEU A 205 4.83 15.32 1.51
C LEU A 205 5.18 16.61 2.24
N ASP A 206 4.96 16.66 3.54
CA ASP A 206 5.29 17.80 4.37
C ASP A 206 6.32 17.38 5.42
N ILE A 207 7.23 18.28 5.73
CA ILE A 207 8.03 18.20 6.95
C ILE A 207 7.26 18.91 8.03
N THR A 208 6.76 18.18 9.02
CA THR A 208 5.89 18.78 10.02
C THR A 208 6.65 19.31 11.22
N SER A 209 7.84 18.78 11.52
CA SER A 209 8.70 19.37 12.55
C SER A 209 10.11 18.82 12.39
N HIS A 210 11.08 19.49 12.98
CA HIS A 210 12.46 19.04 12.92
C HIS A 210 13.22 19.79 14.00
N ASN A 211 14.32 19.21 14.45
CA ASN A 211 15.24 19.94 15.33
C ASN A 211 16.14 20.84 14.48
N GLU A 212 16.97 21.61 15.15
CA GLU A 212 17.63 22.71 14.45
CA GLU A 212 17.62 22.72 14.44
C GLU A 212 18.55 22.22 13.33
N ASP A 213 19.23 21.09 13.55
CA ASP A 213 20.19 20.60 12.58
C ASP A 213 19.65 19.44 11.76
N TYR A 214 18.34 19.21 11.81
CA TYR A 214 17.69 18.15 11.02
C TYR A 214 18.27 16.77 11.31
N THR A 215 18.67 16.53 12.54
CA THR A 215 19.03 15.18 12.97
C THR A 215 17.83 14.42 13.48
N ILE A 216 16.73 15.10 13.78
CA ILE A 216 15.46 14.46 14.10
C ILE A 216 14.41 15.18 13.28
N VAL A 217 13.63 14.46 12.48
CA VAL A 217 12.71 15.05 11.51
C VAL A 217 11.42 14.25 11.50
N GLU A 218 10.29 14.95 11.47
CA GLU A 218 8.98 14.32 11.32
C GLU A 218 8.36 14.74 10.01
N GLN A 219 7.76 13.74 9.36
CA GLN A 219 7.19 13.88 8.03
C GLN A 219 5.75 13.39 8.03
N TYR A 220 4.98 13.92 7.10
CA TYR A 220 3.63 13.49 6.82
C TYR A 220 3.47 13.40 5.31
N GLU A 221 2.76 12.37 4.85
CA GLU A 221 2.47 12.27 3.44
C GLU A 221 1.05 11.80 3.22
N ARG A 222 0.40 12.42 2.24
CA ARG A 222 -0.90 11.96 1.76
CA ARG A 222 -0.90 11.96 1.76
CA ARG A 222 -0.89 11.95 1.77
C ARG A 222 -0.75 11.60 0.29
N ALA A 223 -1.31 10.47 -0.09
CA ALA A 223 -1.18 9.98 -1.46
C ALA A 223 -2.46 9.30 -1.88
N GLU A 224 -2.92 9.62 -3.08
CA GLU A 224 -4.15 9.05 -3.58
C GLU A 224 -4.05 8.79 -5.07
N GLY A 225 -4.34 7.54 -5.45
CA GLY A 225 -4.41 7.20 -6.84
C GLY A 225 -5.72 7.58 -7.46
N ARG A 226 -5.61 7.91 -8.74
CA ARG A 226 -6.77 8.25 -9.54
CA ARG A 226 -6.77 8.26 -9.54
C ARG A 226 -6.60 7.67 -10.93
N HIS A 227 -7.70 7.26 -11.53
CA HIS A 227 -7.66 6.91 -12.94
C HIS A 227 -7.23 8.11 -13.76
N SER A 228 -6.49 7.80 -14.82
CA SER A 228 -6.02 8.70 -15.86
CA SER A 228 -6.14 8.81 -15.80
C SER A 228 -6.86 8.60 -17.14
N THR A 229 -7.59 7.51 -17.30
CA THR A 229 -8.51 7.28 -18.40
C THR A 229 -9.82 6.80 -17.83
N GLY A 230 -10.83 6.71 -18.68
CA GLY A 230 -12.07 6.06 -18.32
C GLY A 230 -13.24 6.98 -18.11
N GLY A 231 -13.06 8.27 -18.36
CA GLY A 231 -14.15 9.20 -18.24
C GLY A 231 -14.63 9.43 -16.81
N MET A 232 -15.76 10.14 -16.74
CA MET A 232 -16.27 10.59 -15.45
C MET A 232 -16.51 9.43 -14.49
N ASP A 233 -16.95 8.30 -15.05
CA ASP A 233 -17.32 7.14 -14.23
CA ASP A 233 -17.31 7.13 -14.24
C ASP A 233 -16.12 6.60 -13.48
N GLU A 234 -14.92 6.77 -14.01
N GLU A 234 -14.91 6.83 -13.99
CA GLU A 234 -13.73 6.30 -13.36
CA GLU A 234 -13.66 6.32 -13.43
C GLU A 234 -13.16 7.35 -12.42
C GLU A 234 -12.80 7.39 -12.80
N LEU A 235 -13.81 8.51 -12.30
N LEU A 235 -12.78 8.59 -13.39
CA LEU A 235 -13.45 9.46 -11.26
CA LEU A 235 -11.86 9.65 -12.97
C LEU A 235 -13.93 8.95 -9.91
C LEU A 235 -12.08 10.09 -11.53
N TYR A 236 -13.14 9.26 -8.89
N TYR A 236 -13.30 9.94 -10.98
CA TYR A 236 -13.49 9.02 -7.49
CA TYR A 236 -13.61 10.36 -9.63
C TYR A 236 -13.94 7.58 -7.29
C TYR A 236 -14.04 9.20 -8.73
N LYS A 237 -13.17 6.66 -7.86
N LYS A 237 -13.57 8.00 -9.01
CA LYS A 237 -13.42 5.24 -7.63
CA LYS A 237 -13.94 6.83 -8.21
C LYS A 237 -12.69 4.77 -6.38
C LYS A 237 -13.67 7.07 -6.72
N GLN B 22 -13.07 -5.57 -13.58
CA GLN B 22 -14.32 -6.11 -13.07
C GLN B 22 -14.10 -7.42 -12.29
N VAL B 23 -14.99 -7.60 -11.33
CA VAL B 23 -15.06 -8.80 -10.50
C VAL B 23 -16.53 -9.07 -10.32
N GLN B 24 -16.94 -10.31 -10.52
CA GLN B 24 -18.31 -10.75 -10.26
CA GLN B 24 -18.31 -10.76 -10.26
C GLN B 24 -18.22 -11.91 -9.27
N LEU B 25 -19.13 -11.95 -8.29
CA LEU B 25 -19.09 -12.94 -7.21
C LEU B 25 -20.41 -13.68 -7.18
N VAL B 26 -20.34 -15.02 -7.19
CA VAL B 26 -21.52 -15.88 -7.12
C VAL B 26 -21.38 -16.82 -5.93
N GLU B 27 -22.29 -16.71 -4.96
CA GLU B 27 -22.26 -17.57 -3.80
C GLU B 27 -23.16 -18.78 -3.97
N SER B 28 -22.87 -19.80 -3.17
CA SER B 28 -23.71 -20.98 -3.09
CA SER B 28 -23.68 -21.01 -3.10
C SER B 28 -23.53 -21.67 -1.73
N GLY B 29 -24.49 -22.55 -1.38
CA GLY B 29 -24.36 -23.48 -0.27
C GLY B 29 -25.34 -23.28 0.84
N GLY B 30 -26.08 -22.20 0.85
CA GLY B 30 -26.99 -21.98 1.96
C GLY B 30 -27.99 -23.11 2.10
N SER B 31 -28.35 -23.42 3.33
CA SER B 31 -29.19 -24.57 3.62
C SER B 31 -29.71 -24.44 5.04
N LEU B 32 -30.58 -25.36 5.41
CA LEU B 32 -31.08 -25.55 6.77
C LEU B 32 -30.25 -26.61 7.44
N VAL B 33 -29.65 -26.28 8.57
CA VAL B 33 -28.89 -27.28 9.29
C VAL B 33 -29.37 -27.31 10.73
N GLN B 34 -29.06 -28.40 11.40
CA GLN B 34 -29.47 -28.51 12.78
C GLN B 34 -28.47 -27.84 13.71
N PRO B 35 -28.89 -27.44 14.89
CA PRO B 35 -27.96 -26.89 15.89
C PRO B 35 -26.80 -27.84 16.14
N GLY B 36 -25.64 -27.25 16.35
CA GLY B 36 -24.40 -27.97 16.43
C GLY B 36 -23.88 -28.44 15.09
N GLY B 37 -24.57 -28.10 14.01
CA GLY B 37 -24.26 -28.65 12.70
C GLY B 37 -23.19 -27.88 11.93
N SER B 38 -23.05 -28.26 10.65
CA SER B 38 -21.97 -27.83 9.77
C SER B 38 -22.48 -27.64 8.36
N LEU B 39 -21.88 -26.70 7.66
CA LEU B 39 -22.10 -26.63 6.22
CA LEU B 39 -22.21 -26.38 6.27
C LEU B 39 -20.95 -25.84 5.59
N ARG B 40 -20.91 -25.88 4.25
CA ARG B 40 -19.81 -25.30 3.51
C ARG B 40 -20.38 -24.36 2.46
N LEU B 41 -20.07 -23.07 2.57
CA LEU B 41 -20.49 -22.10 1.57
C LEU B 41 -19.35 -21.86 0.58
N SER B 42 -19.70 -21.45 -0.62
CA SER B 42 -18.73 -21.13 -1.65
C SER B 42 -18.98 -19.77 -2.22
N CYS B 43 -17.92 -19.12 -2.74
CA CYS B 43 -18.07 -17.93 -3.55
C CYS B 43 -17.03 -17.97 -4.67
N ALA B 44 -17.51 -17.95 -5.91
CA ALA B 44 -16.66 -17.97 -7.09
C ALA B 44 -16.55 -16.55 -7.64
N ALA B 45 -15.30 -16.09 -7.82
CA ALA B 45 -15.01 -14.80 -8.40
C ALA B 45 -14.65 -15.00 -9.86
N SER B 46 -15.18 -14.13 -10.70
CA SER B 46 -14.85 -14.15 -12.11
C SER B 46 -14.59 -12.72 -12.56
N GLY B 47 -13.97 -12.59 -13.72
CA GLY B 47 -13.68 -11.29 -14.28
C GLY B 47 -12.18 -11.00 -14.28
N ARG B 48 -11.85 -9.86 -14.92
CA ARG B 48 -10.46 -9.50 -15.17
CA ARG B 48 -10.46 -9.50 -15.17
C ARG B 48 -9.60 -9.54 -13.91
N PHE B 49 -10.15 -9.12 -12.76
CA PHE B 49 -9.37 -8.97 -11.54
C PHE B 49 -9.70 -10.07 -10.52
N ALA B 50 -10.38 -11.15 -10.93
CA ALA B 50 -10.69 -12.23 -10.00
C ALA B 50 -9.42 -12.79 -9.34
N GLU B 51 -8.33 -12.90 -10.10
CA GLU B 51 -7.10 -13.46 -9.54
CA GLU B 51 -7.10 -13.46 -9.54
C GLU B 51 -6.53 -12.61 -8.41
N SER B 52 -6.89 -11.33 -8.36
CA SER B 52 -6.40 -10.41 -7.34
C SER B 52 -7.44 -10.13 -6.27
N SER B 53 -8.51 -10.91 -6.23
CA SER B 53 -9.62 -10.63 -5.33
C SER B 53 -9.43 -11.31 -3.97
N SER B 54 -9.33 -10.51 -2.92
CA SER B 54 -9.39 -10.96 -1.54
C SER B 54 -10.86 -10.92 -1.17
N MET B 55 -11.34 -12.00 -0.54
CA MET B 55 -12.77 -12.21 -0.36
C MET B 55 -13.09 -12.29 1.13
N GLY B 56 -14.10 -11.54 1.54
CA GLY B 56 -14.54 -11.51 2.92
C GLY B 56 -16.02 -11.82 3.01
N TRP B 57 -16.37 -12.61 4.02
CA TRP B 57 -17.74 -12.99 4.30
C TRP B 57 -18.31 -12.10 5.38
N PHE B 58 -19.55 -11.67 5.19
CA PHE B 58 -20.28 -10.81 6.10
C PHE B 58 -21.67 -11.42 6.22
N ARG B 59 -22.27 -11.35 7.39
CA ARG B 59 -23.59 -11.93 7.54
C ARG B 59 -24.57 -10.86 8.00
N GLN B 60 -25.81 -11.01 7.58
CA GLN B 60 -26.85 -10.04 7.89
C GLN B 60 -28.08 -10.81 8.35
N ALA B 61 -28.48 -10.59 9.59
CA ALA B 61 -29.63 -11.34 10.12
C ALA B 61 -30.91 -10.54 9.95
N ARG B 66 -25.16 -5.85 8.50
CA ARG B 66 -24.09 -6.73 8.09
C ARG B 66 -23.00 -6.69 9.15
N GLU B 67 -22.34 -7.86 9.35
CA GLU B 67 -21.33 -8.18 10.38
C GLU B 67 -20.23 -9.09 9.83
N PHE B 68 -18.97 -8.76 10.07
CA PHE B 68 -17.86 -9.53 9.49
C PHE B 68 -17.81 -10.96 10.04
N VAL B 69 -17.43 -11.91 9.17
CA VAL B 69 -17.25 -13.32 9.54
C VAL B 69 -15.80 -13.78 9.38
N ALA B 70 -15.26 -13.66 8.17
CA ALA B 70 -13.93 -14.15 7.92
C ALA B 70 -13.52 -13.70 6.52
N ALA B 71 -12.22 -13.64 6.26
CA ALA B 71 -11.74 -13.25 4.93
C ALA B 71 -10.44 -13.97 4.63
N ILE B 72 -10.15 -14.06 3.34
CA ILE B 72 -8.96 -14.76 2.85
C ILE B 72 -8.37 -13.98 1.69
N SER B 73 -7.05 -13.86 1.70
CA SER B 73 -6.37 -13.05 0.72
C SER B 73 -6.44 -13.69 -0.66
N TRP B 74 -6.14 -12.86 -1.64
CA TRP B 74 -6.20 -13.25 -3.05
C TRP B 74 -5.32 -14.43 -3.34
N SER B 75 -4.22 -14.57 -2.62
CA SER B 75 -3.29 -15.65 -2.85
C SER B 75 -3.66 -16.92 -2.12
N GLY B 76 -4.67 -16.86 -1.26
CA GLY B 76 -5.04 -17.99 -0.43
C GLY B 76 -4.18 -18.19 0.79
N GLY B 77 -3.21 -17.33 1.03
CA GLY B 77 -2.18 -17.61 2.01
C GLY B 77 -2.40 -16.97 3.36
N ALA B 78 -3.31 -16.01 3.45
CA ALA B 78 -3.62 -15.39 4.72
C ALA B 78 -5.12 -15.43 4.96
N THR B 79 -5.49 -15.76 6.18
CA THR B 79 -6.88 -15.77 6.60
C THR B 79 -7.01 -14.93 7.85
N ASN B 80 -8.22 -14.45 8.08
CA ASN B 80 -8.50 -13.64 9.25
C ASN B 80 -9.95 -13.87 9.58
N TYR B 81 -10.23 -14.12 10.85
CA TYR B 81 -11.56 -14.55 11.31
C TYR B 81 -12.11 -13.60 12.36
N ALA B 82 -13.39 -13.23 12.26
CA ALA B 82 -14.02 -12.54 13.36
C ALA B 82 -13.97 -13.41 14.61
N ASP B 83 -14.05 -12.77 15.76
CA ASP B 83 -13.94 -13.50 17.01
C ASP B 83 -14.93 -14.67 17.07
N SER B 84 -16.17 -14.44 16.65
CA SER B 84 -17.18 -15.48 16.74
C SER B 84 -16.93 -16.64 15.80
N ALA B 85 -16.13 -16.45 14.77
CA ALA B 85 -15.85 -17.49 13.79
C ALA B 85 -14.57 -18.27 14.08
N LYS B 86 -13.63 -17.69 14.83
CA LYS B 86 -12.33 -18.31 15.01
CA LYS B 86 -12.34 -18.31 14.99
C LYS B 86 -12.49 -19.70 15.60
N GLY B 87 -11.66 -20.61 15.13
N GLY B 87 -11.73 -20.65 15.06
CA GLY B 87 -11.68 -21.99 15.61
CA GLY B 87 -11.63 -21.99 15.61
C GLY B 87 -12.68 -22.86 14.90
C GLY B 87 -12.80 -22.91 15.33
N ARG B 88 -13.90 -22.40 14.78
CA ARG B 88 -14.99 -23.25 14.35
C ARG B 88 -15.29 -23.11 12.87
N PHE B 89 -14.84 -22.03 12.22
CA PHE B 89 -15.01 -21.83 10.79
C PHE B 89 -13.62 -21.86 10.15
N THR B 90 -13.55 -22.33 8.91
CA THR B 90 -12.29 -22.33 8.17
CA THR B 90 -12.30 -22.33 8.16
C THR B 90 -12.54 -21.87 6.73
N LEU B 91 -11.66 -21.02 6.25
CA LEU B 91 -11.74 -20.48 4.90
C LEU B 91 -10.59 -21.02 4.08
N SER B 92 -10.87 -21.39 2.84
CA SER B 92 -9.82 -21.82 1.94
C SER B 92 -10.11 -21.26 0.57
N ARG B 93 -9.10 -21.30 -0.30
CA ARG B 93 -9.23 -20.75 -1.63
C ARG B 93 -8.62 -21.72 -2.62
N ASP B 94 -9.37 -22.00 -3.66
CA ASP B 94 -8.85 -22.71 -4.83
C ASP B 94 -8.47 -21.64 -5.84
N ASN B 95 -7.17 -21.37 -5.96
CA ASN B 95 -6.70 -20.32 -6.87
C ASN B 95 -6.95 -20.64 -8.34
N THR B 96 -7.07 -21.92 -8.70
CA THR B 96 -7.33 -22.30 -10.09
C THR B 96 -8.73 -21.90 -10.53
N LYS B 97 -9.66 -21.71 -9.58
CA LYS B 97 -11.02 -21.31 -9.86
C LYS B 97 -11.38 -19.96 -9.22
N ASN B 98 -10.43 -19.27 -8.59
CA ASN B 98 -10.71 -18.05 -7.82
C ASN B 98 -11.99 -18.21 -7.01
N THR B 99 -12.09 -19.36 -6.31
CA THR B 99 -13.24 -19.69 -5.48
C THR B 99 -12.80 -19.90 -4.04
N VAL B 100 -13.57 -19.33 -3.15
CA VAL B 100 -13.35 -19.53 -1.73
C VAL B 100 -14.46 -20.35 -1.11
N TYR B 101 -14.10 -21.08 -0.05
CA TYR B 101 -14.97 -22.01 0.66
C TYR B 101 -14.92 -21.67 2.13
N LEU B 102 -16.09 -21.42 2.70
CA LEU B 102 -16.25 -21.13 4.12
C LEU B 102 -16.91 -22.35 4.76
N GLN B 103 -16.12 -23.13 5.49
N GLN B 103 -16.11 -23.12 5.48
CA GLN B 103 -16.57 -24.31 6.19
CA GLN B 103 -16.57 -24.31 6.18
C GLN B 103 -16.97 -23.86 7.58
C GLN B 103 -16.97 -23.86 7.58
N MET B 104 -18.25 -24.01 7.91
CA MET B 104 -18.80 -23.56 9.18
CA MET B 104 -18.79 -23.56 9.18
C MET B 104 -19.18 -24.77 10.01
N ASN B 105 -18.60 -24.89 11.20
CA ASN B 105 -18.89 -25.96 12.14
C ASN B 105 -19.45 -25.35 13.40
N SER B 106 -20.04 -26.21 14.24
CA SER B 106 -20.55 -25.78 15.53
CA SER B 106 -20.56 -25.79 15.53
C SER B 106 -21.56 -24.64 15.40
N LEU B 107 -22.44 -24.76 14.41
CA LEU B 107 -23.42 -23.72 14.15
C LEU B 107 -24.53 -23.73 15.17
N LYS B 108 -25.04 -22.55 15.46
CA LYS B 108 -26.07 -22.38 16.47
CA LYS B 108 -26.06 -22.37 16.48
C LYS B 108 -27.18 -21.56 15.86
N PRO B 109 -28.37 -21.59 16.47
CA PRO B 109 -29.47 -20.79 15.92
C PRO B 109 -29.09 -19.35 15.63
N ASP B 110 -28.30 -18.70 16.48
CA ASP B 110 -28.01 -17.29 16.19
C ASP B 110 -26.99 -17.10 15.08
N ASP B 111 -26.50 -18.16 14.44
CA ASP B 111 -25.76 -18.01 13.19
C ASP B 111 -26.68 -17.90 12.00
N THR B 112 -28.00 -18.01 12.20
CA THR B 112 -28.93 -17.88 11.10
C THR B 112 -28.79 -16.47 10.51
N ALA B 113 -28.64 -16.37 9.19
CA ALA B 113 -28.41 -15.09 8.51
C ALA B 113 -28.30 -15.31 7.02
N VAL B 114 -28.41 -14.22 6.28
CA VAL B 114 -27.93 -14.21 4.91
C VAL B 114 -26.42 -13.95 4.93
N TYR B 115 -25.65 -14.84 4.32
CA TYR B 115 -24.20 -14.75 4.25
C TYR B 115 -23.80 -14.19 2.90
N TYR B 116 -23.12 -13.05 2.90
CA TYR B 116 -22.63 -12.38 1.73
C TYR B 116 -21.11 -12.57 1.64
N CYS B 117 -20.61 -12.70 0.43
CA CYS B 117 -19.18 -12.61 0.19
C CYS B 117 -18.92 -11.35 -0.63
N ALA B 118 -17.83 -10.66 -0.31
CA ALA B 118 -17.44 -9.43 -0.97
C ALA B 118 -15.97 -9.52 -1.30
N ALA B 119 -15.52 -8.64 -2.19
CA ALA B 119 -14.12 -8.68 -2.63
C ALA B 119 -13.52 -7.29 -2.76
N ASN B 120 -12.19 -7.25 -2.63
CA ASN B 120 -11.41 -6.07 -2.92
C ASN B 120 -10.12 -6.48 -3.62
N LEU B 121 -9.48 -5.48 -4.24
CA LEU B 121 -8.23 -5.62 -4.98
C LEU B 121 -7.05 -5.01 -4.23
N GLY B 122 -7.19 -4.86 -2.92
CA GLY B 122 -6.18 -4.22 -2.11
C GLY B 122 -5.60 -5.09 -1.01
N ASN B 123 -5.70 -6.41 -1.12
CA ASN B 123 -5.16 -7.32 -0.14
C ASN B 123 -5.71 -7.06 1.26
N TYR B 124 -6.98 -6.65 1.33
CA TYR B 124 -7.64 -6.36 2.60
C TYR B 124 -8.50 -7.55 3.02
N ILE B 125 -8.26 -8.03 4.23
CA ILE B 125 -9.00 -9.18 4.76
C ILE B 125 -9.52 -8.93 6.16
N SER B 126 -9.89 -7.71 6.47
CA SER B 126 -10.41 -7.39 7.77
CA SER B 126 -10.41 -7.40 7.78
C SER B 126 -11.85 -6.90 7.68
N SER B 127 -12.31 -6.34 8.80
CA SER B 127 -13.73 -6.26 9.04
C SER B 127 -14.48 -5.07 8.44
N ASN B 128 -13.80 -4.10 7.84
CA ASN B 128 -14.50 -2.91 7.37
C ASN B 128 -15.15 -3.19 6.03
N GLN B 129 -16.47 -3.33 6.02
CA GLN B 129 -17.16 -3.67 4.78
C GLN B 129 -17.01 -2.58 3.72
N ARG B 130 -16.74 -1.33 4.10
CA ARG B 130 -16.60 -0.28 3.11
C ARG B 130 -15.37 -0.46 2.23
N LEU B 131 -14.43 -1.27 2.63
CA LEU B 131 -13.22 -1.51 1.86
C LEU B 131 -13.39 -2.69 0.91
N TYR B 132 -14.60 -3.24 0.78
CA TYR B 132 -14.90 -4.25 -0.22
C TYR B 132 -15.87 -3.61 -1.21
N GLY B 133 -15.44 -3.51 -2.46
CA GLY B 133 -16.25 -2.84 -3.46
C GLY B 133 -17.12 -3.74 -4.32
N TYR B 134 -16.94 -5.05 -4.26
CA TYR B 134 -17.67 -5.99 -5.10
C TYR B 134 -18.40 -6.93 -4.17
N TRP B 135 -19.67 -7.20 -4.45
CA TRP B 135 -20.52 -7.98 -3.56
C TRP B 135 -21.23 -9.10 -4.30
N GLY B 136 -21.33 -10.27 -3.66
CA GLY B 136 -22.20 -11.33 -4.12
C GLY B 136 -23.64 -11.08 -3.72
N GLN B 137 -24.49 -12.04 -4.06
CA GLN B 137 -25.92 -11.90 -3.94
C GLN B 137 -26.48 -12.42 -2.62
N GLY B 138 -25.66 -13.09 -1.83
CA GLY B 138 -26.09 -13.66 -0.56
C GLY B 138 -26.58 -15.09 -0.70
N THR B 139 -26.46 -15.83 0.40
CA THR B 139 -27.00 -17.18 0.50
C THR B 139 -27.51 -17.39 1.93
N GLN B 140 -28.65 -18.04 2.04
CA GLN B 140 -29.37 -18.10 3.31
C GLN B 140 -28.90 -19.32 4.11
N VAL B 141 -28.46 -19.09 5.33
CA VAL B 141 -28.14 -20.16 6.27
C VAL B 141 -29.15 -20.09 7.41
N THR B 142 -29.86 -21.18 7.67
CA THR B 142 -30.81 -21.28 8.76
C THR B 142 -30.37 -22.42 9.63
N VAL B 143 -30.29 -22.17 10.94
CA VAL B 143 -29.88 -23.16 11.91
C VAL B 143 -31.04 -23.31 12.85
N SER B 144 -31.74 -24.43 12.77
CA SER B 144 -32.89 -24.66 13.64
C SER B 144 -33.30 -26.11 13.59
C1 PEG C . -2.57 17.37 -4.59
C1 PEG C . -4.27 19.62 -3.09
O1 PEG C . -2.85 16.51 -5.65
O1 PEG C . -4.78 20.23 -1.94
C2 PEG C . -1.95 16.56 -3.46
C2 PEG C . -3.48 18.39 -2.64
O2 PEG C . -2.83 15.52 -3.16
O2 PEG C . -2.81 17.80 -3.72
C3 PEG C . -2.31 14.57 -2.27
C3 PEG C . -2.12 16.63 -3.36
C4 PEG C . -3.34 13.47 -2.08
C4 PEG C . -3.10 15.53 -2.89
O4 PEG C . -4.42 14.02 -1.39
O4 PEG C . -2.48 14.57 -2.07
CL CL D . 6.45 -4.24 -21.30
#